data_4PBB
#
_entry.id   4PBB
#
_cell.length_a   67.428
_cell.length_b   92.352
_cell.length_c   180.846
_cell.angle_alpha   90.00
_cell.angle_beta   90.00
_cell.angle_gamma   90.00
#
_symmetry.space_group_name_H-M   'P 21 21 21'
#
loop_
_entity.id
_entity.type
_entity.pdbx_description
1 polymer 'Uncharacterized protein AbaSI'
2 non-polymer 'SULFATE ION'
#
_entity_poly.entity_id   1
_entity_poly.type   'polypeptide(L)'
_entity_poly.pdbx_seq_one_letter_code
;MSNKASSDLTDYVIRQLGRTKNKRYEAYVVSRIIHLLNDFTLKFVTQQFVRLSNKKIALTDLYFPQLGIHIEVDEGHHFL
RNSKMEYSLNQIDEPLYSISQTESDAMREEDIISITGHKIFRVNVFKNQEGQPQNLENIHQQIDKIIEEIKTAKNKLIEA
STFKEWNIETEYNPQTYIDLGRISLADNVVLKTTKDVCNCFGYSYKNYQRGGALHPYKKDTLIWFPRLYENKDWINTISP
DGLTITEKSTDETITLKKLEEWKNGPQKRIVFARVKDNLSSRAMYRFMGLYEFQKADLKDGAVWKRVKSEVQTYSPKETK
S
;
_entity_poly.pdbx_strand_id   A,B
#
loop_
_chem_comp.id
_chem_comp.type
_chem_comp.name
_chem_comp.formula
SO4 non-polymer 'SULFATE ION' 'O4 S -2'
#
# COMPACT_ATOMS: atom_id res chain seq x y z
N ALA A 5 7.88 -10.50 -23.94
CA ALA A 5 6.88 -10.03 -22.99
C ALA A 5 7.51 -9.75 -21.63
N SER A 6 8.12 -8.58 -21.50
CA SER A 6 8.72 -8.15 -20.23
C SER A 6 7.64 -7.78 -19.23
N SER A 7 6.42 -7.68 -19.73
CA SER A 7 5.26 -7.24 -18.96
C SER A 7 5.09 -8.06 -17.69
N ASP A 8 5.47 -9.33 -17.75
CA ASP A 8 5.31 -10.23 -16.62
C ASP A 8 6.06 -9.68 -15.41
N LEU A 9 7.29 -9.24 -15.65
CA LEU A 9 8.08 -8.63 -14.59
C LEU A 9 7.29 -7.51 -13.95
N THR A 10 6.76 -6.62 -14.80
CA THR A 10 5.98 -5.49 -14.34
C THR A 10 4.92 -6.00 -13.39
N ASP A 11 4.13 -6.95 -13.89
CA ASP A 11 3.02 -7.50 -13.13
C ASP A 11 3.51 -7.89 -11.76
N TYR A 12 4.55 -8.72 -11.74
CA TYR A 12 5.09 -9.23 -10.48
C TYR A 12 5.38 -8.09 -9.54
N VAL A 13 6.21 -7.16 -10.00
CA VAL A 13 6.64 -6.06 -9.15
C VAL A 13 5.44 -5.33 -8.60
N ILE A 14 4.49 -5.02 -9.49
CA ILE A 14 3.31 -4.27 -9.10
C ILE A 14 2.62 -4.96 -7.93
N ARG A 15 2.34 -6.24 -8.10
CA ARG A 15 1.54 -6.96 -7.12
C ARG A 15 2.29 -6.99 -5.80
N GLN A 16 3.62 -7.02 -5.86
CA GLN A 16 4.42 -7.09 -4.65
C GLN A 16 4.21 -5.84 -3.81
N LEU A 17 4.10 -4.69 -4.45
CA LEU A 17 3.87 -3.46 -3.70
C LEU A 17 2.38 -3.17 -3.59
N GLY A 18 1.57 -4.08 -4.12
CA GLY A 18 0.13 -3.90 -4.09
C GLY A 18 -0.52 -4.78 -3.05
N ARG A 19 0.28 -5.37 -2.18
CA ARG A 19 -0.24 -6.21 -1.11
C ARG A 19 -0.96 -5.38 -0.05
N THR A 20 -1.99 -5.96 0.55
CA THR A 20 -2.66 -5.36 1.69
C THR A 20 -1.67 -5.25 2.85
N LYS A 21 -1.62 -4.08 3.48
CA LYS A 21 -0.58 -3.75 4.46
C LYS A 21 -0.78 -4.44 5.82
N ASN A 22 0.29 -5.05 6.32
CA ASN A 22 0.30 -5.58 7.68
C ASN A 22 0.56 -4.48 8.71
N LYS A 23 1.50 -3.61 8.38
CA LYS A 23 1.94 -2.54 9.28
C LYS A 23 1.65 -1.16 8.69
N ARG A 24 1.55 -0.17 9.56
CA ARG A 24 1.20 1.19 9.18
C ARG A 24 2.29 1.90 8.36
N TYR A 25 3.54 1.66 8.70
CA TYR A 25 4.66 2.33 8.04
C TYR A 25 5.25 1.47 6.93
N GLU A 26 4.71 0.26 6.76
CA GLU A 26 5.27 -0.72 5.84
C GLU A 26 5.33 -0.20 4.40
N ALA A 27 4.19 0.28 3.89
CA ALA A 27 4.08 0.73 2.51
C ALA A 27 5.15 1.76 2.15
N TYR A 28 5.24 2.82 2.95
CA TYR A 28 6.14 3.92 2.67
C TYR A 28 7.59 3.47 2.63
N VAL A 29 8.03 2.81 3.70
CA VAL A 29 9.42 2.38 3.82
C VAL A 29 9.80 1.42 2.70
N VAL A 30 8.98 0.38 2.51
CA VAL A 30 9.26 -0.61 1.48
C VAL A 30 9.33 0.02 0.08
N SER A 31 8.31 0.80 -0.26
CA SER A 31 8.26 1.43 -1.56
C SER A 31 9.47 2.33 -1.80
N ARG A 32 9.85 3.10 -0.77
CA ARG A 32 10.99 4.00 -0.90
C ARG A 32 12.28 3.20 -1.10
N ILE A 33 12.44 2.10 -0.37
CA ILE A 33 13.62 1.27 -0.54
C ILE A 33 13.72 0.74 -1.97
N ILE A 34 12.63 0.12 -2.45
CA ILE A 34 12.61 -0.45 -3.79
C ILE A 34 12.90 0.59 -4.86
N HIS A 35 12.21 1.72 -4.78
CA HIS A 35 12.36 2.77 -5.80
C HIS A 35 13.72 3.45 -5.78
N LEU A 36 14.24 3.73 -4.59
CA LEU A 36 15.53 4.39 -4.48
C LEU A 36 16.66 3.45 -4.91
N LEU A 37 16.50 2.15 -4.66
CA LEU A 37 17.47 1.19 -5.15
C LEU A 37 17.43 1.15 -6.68
N ASN A 38 16.22 0.92 -7.20
CA ASN A 38 15.95 0.92 -8.63
C ASN A 38 16.83 -0.05 -9.40
N ASP A 39 17.27 -1.11 -8.75
CA ASP A 39 17.99 -2.18 -9.43
C ASP A 39 17.14 -3.43 -9.39
N PHE A 40 16.57 -3.79 -10.54
CA PHE A 40 15.64 -4.92 -10.61
C PHE A 40 16.32 -6.20 -11.05
N THR A 41 17.65 -6.15 -11.17
CA THR A 41 18.43 -7.36 -11.33
C THR A 41 18.41 -8.14 -10.02
N LEU A 42 17.94 -7.50 -8.96
CA LEU A 42 17.79 -8.12 -7.64
C LEU A 42 16.33 -8.49 -7.37
N LYS A 43 16.07 -9.78 -7.20
CA LYS A 43 14.72 -10.22 -6.88
C LYS A 43 14.37 -9.83 -5.45
N PHE A 44 13.11 -9.46 -5.24
CA PHE A 44 12.64 -9.10 -3.91
C PHE A 44 11.26 -9.67 -3.63
N VAL A 45 10.97 -9.94 -2.35
CA VAL A 45 9.66 -10.43 -1.94
C VAL A 45 9.18 -9.68 -0.70
N THR A 46 7.92 -9.28 -0.70
CA THR A 46 7.33 -8.60 0.44
C THR A 46 6.47 -9.55 1.27
N GLN A 47 6.48 -9.34 2.59
CA GLN A 47 5.70 -10.15 3.52
C GLN A 47 6.10 -11.63 3.42
N GLN A 48 7.39 -11.89 3.48
CA GLN A 48 7.91 -13.24 3.41
C GLN A 48 7.74 -13.98 4.75
N PHE A 49 7.05 -15.11 4.71
CA PHE A 49 6.86 -15.94 5.89
C PHE A 49 8.13 -16.72 6.20
N VAL A 50 8.53 -16.70 7.46
CA VAL A 50 9.73 -17.40 7.90
C VAL A 50 9.42 -18.24 9.14
N ARG A 51 10.28 -19.21 9.43
CA ARG A 51 10.09 -20.07 10.59
C ARG A 51 11.12 -19.76 11.65
N LEU A 52 10.66 -19.46 12.86
CA LEU A 52 11.56 -19.13 13.96
C LEU A 52 12.16 -20.38 14.59
N SER A 53 13.06 -20.18 15.56
CA SER A 53 13.70 -21.28 16.26
C SER A 53 12.69 -22.04 17.11
N ASN A 54 11.64 -21.34 17.53
CA ASN A 54 10.62 -21.89 18.41
C ASN A 54 9.49 -22.53 17.62
N LYS A 55 9.68 -22.61 16.31
CA LYS A 55 8.77 -23.26 15.36
C LYS A 55 7.59 -22.35 15.01
N LYS A 56 7.52 -21.20 15.67
CA LYS A 56 6.48 -20.23 15.37
C LYS A 56 6.74 -19.58 14.02
N ILE A 57 5.66 -19.21 13.33
CA ILE A 57 5.79 -18.57 12.02
C ILE A 57 5.76 -17.06 12.17
N ALA A 58 6.80 -16.42 11.63
CA ALA A 58 6.92 -14.97 11.66
C ALA A 58 6.96 -14.47 10.23
N LEU A 59 7.12 -13.16 10.05
CA LEU A 59 7.25 -12.63 8.69
C LEU A 59 8.14 -11.41 8.65
N THR A 60 8.83 -11.23 7.54
CA THR A 60 9.65 -10.05 7.33
C THR A 60 9.09 -9.28 6.16
N ASP A 61 9.17 -7.95 6.23
CA ASP A 61 8.46 -7.09 5.30
C ASP A 61 9.09 -7.05 3.92
N LEU A 62 10.42 -7.05 3.84
CA LEU A 62 11.07 -7.10 2.54
C LEU A 62 12.17 -8.14 2.52
N TYR A 63 12.25 -8.92 1.44
CA TYR A 63 13.22 -10.01 1.38
C TYR A 63 13.91 -10.12 0.01
N PHE A 64 15.23 -10.10 0.04
CA PHE A 64 16.04 -10.36 -1.15
C PHE A 64 16.65 -11.74 -1.05
N PRO A 65 16.14 -12.68 -1.88
CA PRO A 65 16.55 -14.09 -1.91
C PRO A 65 17.99 -14.28 -2.34
N GLN A 66 18.43 -13.51 -3.35
CA GLN A 66 19.79 -13.64 -3.85
C GLN A 66 20.82 -13.20 -2.83
N LEU A 67 20.51 -12.15 -2.09
CA LEU A 67 21.45 -11.61 -1.11
C LEU A 67 21.17 -12.16 0.28
N GLY A 68 20.10 -12.93 0.41
CA GLY A 68 19.68 -13.46 1.70
C GLY A 68 19.50 -12.36 2.72
N ILE A 69 18.87 -11.26 2.31
CA ILE A 69 18.74 -10.09 3.18
C ILE A 69 17.29 -9.76 3.49
N HIS A 70 16.98 -9.62 4.78
CA HIS A 70 15.64 -9.24 5.21
C HIS A 70 15.63 -7.82 5.75
N ILE A 71 14.50 -7.14 5.57
CA ILE A 71 14.30 -5.80 6.09
C ILE A 71 12.95 -5.73 6.78
N GLU A 72 12.96 -5.25 8.03
CA GLU A 72 11.77 -5.25 8.87
C GLU A 72 11.51 -3.88 9.48
N VAL A 73 10.26 -3.42 9.42
CA VAL A 73 9.89 -2.15 10.01
C VAL A 73 9.48 -2.36 11.47
N ASP A 74 10.08 -1.57 12.37
CA ASP A 74 9.82 -1.72 13.78
C ASP A 74 8.86 -0.66 14.31
N GLU A 75 7.63 -1.11 14.58
CA GLU A 75 6.63 -0.33 15.28
C GLU A 75 6.30 -1.10 16.53
N GLY A 76 5.61 -0.48 17.49
CA GLY A 76 5.23 -1.20 18.68
C GLY A 76 4.12 -2.16 18.31
N HIS A 77 3.47 -2.77 19.30
CA HIS A 77 2.38 -3.68 18.98
C HIS A 77 1.21 -2.81 18.58
N HIS A 78 1.30 -1.54 18.95
CA HIS A 78 0.31 -0.54 18.60
C HIS A 78 0.42 -0.32 17.10
N PHE A 79 -0.65 0.15 16.48
CA PHE A 79 -0.74 0.33 15.03
C PHE A 79 -0.41 -0.96 14.30
N LEU A 80 -1.30 -1.93 14.41
CA LEU A 80 -1.21 -3.18 13.64
C LEU A 80 -2.60 -3.55 13.14
N ARG A 81 -2.72 -3.66 11.83
CA ARG A 81 -3.99 -3.95 11.19
C ARG A 81 -4.47 -5.39 11.44
N ASN A 82 -3.54 -6.32 11.62
CA ASN A 82 -3.91 -7.70 11.89
C ASN A 82 -3.96 -8.15 13.36
N SER A 83 -5.17 -8.44 13.83
CA SER A 83 -5.36 -9.17 15.07
C SER A 83 -5.76 -10.61 14.73
N LYS A 84 -5.04 -11.59 15.25
CA LYS A 84 -3.85 -11.37 16.07
C LYS A 84 -2.55 -11.55 15.29
N MET A 85 -1.71 -10.52 15.34
CA MET A 85 -0.32 -10.63 14.94
C MET A 85 0.42 -10.40 16.26
N GLU A 86 1.69 -10.75 16.34
CA GLU A 86 2.36 -10.60 17.62
C GLU A 86 3.71 -9.90 17.53
N TYR A 87 3.92 -9.00 18.49
CA TYR A 87 5.16 -8.27 18.62
C TYR A 87 5.91 -8.79 19.83
N SER A 88 7.00 -9.50 19.58
CA SER A 88 7.79 -10.08 20.65
C SER A 88 9.25 -10.16 20.27
N LEU A 89 10.11 -10.35 21.26
CA LEU A 89 11.53 -10.51 21.00
C LEU A 89 11.78 -11.98 20.69
N ASN A 90 12.69 -12.21 19.76
CA ASN A 90 12.99 -13.56 19.29
C ASN A 90 14.49 -13.66 19.14
N GLN A 91 14.99 -14.79 18.64
CA GLN A 91 16.43 -14.97 18.53
C GLN A 91 17.04 -13.85 17.67
N ILE A 92 18.29 -13.50 17.97
CA ILE A 92 18.88 -12.22 17.56
C ILE A 92 18.72 -11.86 16.08
N ASP A 93 18.78 -12.85 15.20
CA ASP A 93 18.68 -12.63 13.77
C ASP A 93 17.25 -12.82 13.25
N GLU A 94 16.30 -12.98 14.16
CA GLU A 94 14.95 -13.32 13.76
C GLU A 94 14.00 -12.15 14.01
N PRO A 95 12.96 -12.03 13.16
CA PRO A 95 12.04 -10.87 13.17
C PRO A 95 11.22 -10.75 14.45
N LEU A 96 10.77 -9.53 14.74
CA LEU A 96 9.97 -9.26 15.92
C LEU A 96 8.50 -9.60 15.74
N TYR A 97 8.06 -9.67 14.49
CA TYR A 97 6.64 -9.85 14.22
C TYR A 97 6.33 -11.29 13.88
N SER A 98 5.47 -11.90 14.68
CA SER A 98 5.15 -13.31 14.55
C SER A 98 3.64 -13.53 14.44
N ILE A 99 3.26 -14.72 13.99
CA ILE A 99 1.86 -15.10 13.91
C ILE A 99 1.52 -16.05 15.05
N SER A 100 0.34 -15.87 15.65
CA SER A 100 -0.13 -16.78 16.69
C SER A 100 -0.23 -18.19 16.14
N GLN A 101 0.09 -19.17 16.98
CA GLN A 101 0.11 -20.58 16.56
C GLN A 101 -1.25 -21.03 16.04
N THR A 102 -2.30 -20.30 16.41
CA THR A 102 -3.66 -20.57 15.94
C THR A 102 -3.79 -20.31 14.44
N GLU A 103 -3.24 -19.21 13.97
CA GLU A 103 -3.27 -18.89 12.55
C GLU A 103 -2.04 -19.42 11.83
N SER A 104 -1.07 -19.91 12.60
CA SER A 104 0.12 -20.51 12.00
C SER A 104 -0.16 -21.89 11.40
N ASP A 105 -1.10 -22.60 11.99
CA ASP A 105 -1.48 -23.91 11.46
C ASP A 105 -2.49 -23.80 10.33
N ALA A 106 -3.11 -22.62 10.19
CA ALA A 106 -4.00 -22.40 9.06
C ALA A 106 -3.19 -21.99 7.83
N MET A 107 -2.00 -21.46 8.08
CA MET A 107 -1.14 -20.94 7.03
C MET A 107 -0.07 -21.95 6.59
N ARG A 108 -0.16 -23.17 7.08
CA ARG A 108 0.82 -24.23 6.78
C ARG A 108 1.17 -24.31 5.30
N GLU A 109 0.15 -24.26 4.46
CA GLU A 109 0.31 -24.46 3.03
C GLU A 109 1.09 -23.33 2.35
N GLU A 110 1.30 -22.24 3.07
CA GLU A 110 2.06 -21.10 2.54
C GLU A 110 3.52 -21.42 2.32
N ASP A 111 4.19 -20.59 1.52
CA ASP A 111 5.60 -20.83 1.24
C ASP A 111 6.42 -20.18 2.35
N ILE A 112 7.05 -21.02 3.15
CA ILE A 112 7.76 -20.59 4.33
C ILE A 112 9.20 -21.06 4.27
N ILE A 113 10.13 -20.13 4.46
CA ILE A 113 11.54 -20.47 4.30
C ILE A 113 12.27 -20.42 5.64
N SER A 114 13.56 -20.77 5.61
CA SER A 114 14.39 -20.78 6.81
C SER A 114 15.28 -19.54 6.82
N ILE A 115 15.34 -18.85 7.96
CA ILE A 115 16.10 -17.60 8.05
C ILE A 115 17.52 -17.80 8.54
N THR A 116 17.90 -19.05 8.78
CA THR A 116 19.21 -19.37 9.30
C THR A 116 20.30 -18.81 8.39
N GLY A 117 21.20 -18.03 8.96
CA GLY A 117 22.29 -17.43 8.21
C GLY A 117 21.96 -16.08 7.60
N HIS A 118 20.68 -15.76 7.51
CA HIS A 118 20.25 -14.50 6.90
C HIS A 118 20.43 -13.34 7.87
N LYS A 119 20.62 -12.14 7.33
CA LYS A 119 20.71 -10.94 8.14
C LYS A 119 19.45 -10.11 8.03
N ILE A 120 19.05 -9.49 9.13
CA ILE A 120 17.87 -8.65 9.13
C ILE A 120 18.22 -7.22 9.52
N PHE A 121 17.90 -6.28 8.64
CA PHE A 121 18.06 -4.86 8.94
C PHE A 121 16.72 -4.30 9.37
N ARG A 122 16.72 -3.53 10.46
CA ARG A 122 15.47 -2.99 10.98
C ARG A 122 15.40 -1.49 10.81
N VAL A 123 14.19 -0.99 10.63
CA VAL A 123 13.97 0.45 10.54
C VAL A 123 13.09 0.89 11.70
N ASN A 124 13.65 1.67 12.62
CA ASN A 124 12.90 2.08 13.79
C ASN A 124 12.22 3.41 13.54
N VAL A 125 10.90 3.36 13.44
CA VAL A 125 10.12 4.53 13.02
C VAL A 125 9.63 5.35 14.20
N PHE A 126 9.90 4.90 15.42
CA PHE A 126 9.45 5.63 16.58
C PHE A 126 10.59 6.18 17.44
N LYS A 127 10.61 7.51 17.56
CA LYS A 127 11.59 8.22 18.38
C LYS A 127 11.28 7.96 19.86
N ASN A 128 10.02 8.20 20.23
CA ASN A 128 9.52 7.84 21.54
C ASN A 128 8.34 6.91 21.39
N GLN A 129 8.54 5.68 21.84
CA GLN A 129 7.51 4.66 21.79
C GLN A 129 6.85 4.50 23.15
N GLU A 130 5.52 4.41 23.22
CA GLU A 130 4.62 4.39 22.07
C GLU A 130 4.37 5.80 21.55
N GLY A 131 3.47 5.94 20.59
CA GLY A 131 3.13 7.25 20.07
C GLY A 131 4.16 7.86 19.13
N GLN A 132 4.60 9.08 19.44
CA GLN A 132 5.22 9.97 18.45
C GLN A 132 6.32 9.32 17.60
N PRO A 133 6.18 9.45 16.26
CA PRO A 133 7.07 8.95 15.22
C PRO A 133 8.36 9.75 15.12
N GLN A 134 9.40 9.18 14.51
CA GLN A 134 10.63 9.93 14.29
C GLN A 134 10.48 10.83 13.06
N ASN A 135 11.46 11.70 12.84
CA ASN A 135 11.42 12.61 11.70
C ASN A 135 11.81 11.92 10.39
N LEU A 136 11.36 12.47 9.27
CA LEU A 136 11.58 11.87 7.97
C LEU A 136 13.06 11.75 7.61
N GLU A 137 13.86 12.70 8.06
CA GLU A 137 15.28 12.73 7.73
C GLU A 137 16.00 11.50 8.27
N ASN A 138 15.74 11.17 9.53
CA ASN A 138 16.32 10.02 10.19
C ASN A 138 15.95 8.72 9.47
N ILE A 139 14.66 8.60 9.16
CA ILE A 139 14.14 7.41 8.49
C ILE A 139 14.80 7.24 7.13
N HIS A 140 14.86 8.33 6.38
CA HIS A 140 15.51 8.33 5.08
C HIS A 140 16.98 7.94 5.21
N GLN A 141 17.62 8.36 6.29
CA GLN A 141 19.00 7.97 6.57
C GLN A 141 19.13 6.47 6.75
N GLN A 142 18.29 5.89 7.62
CA GLN A 142 18.27 4.45 7.83
C GLN A 142 18.07 3.71 6.50
N ILE A 143 17.13 4.20 5.71
CA ILE A 143 16.84 3.59 4.42
C ILE A 143 18.07 3.66 3.51
N ASP A 144 18.79 4.78 3.58
CA ASP A 144 19.97 4.97 2.75
C ASP A 144 21.09 3.99 3.14
N LYS A 145 21.39 3.88 4.43
CA LYS A 145 22.44 2.98 4.87
C LYS A 145 22.06 1.53 4.54
N ILE A 146 20.77 1.21 4.65
CA ILE A 146 20.29 -0.12 4.28
C ILE A 146 20.51 -0.40 2.79
N ILE A 147 20.19 0.59 1.96
CA ILE A 147 20.39 0.47 0.52
C ILE A 147 21.86 0.24 0.20
N GLU A 148 22.74 0.98 0.86
CA GLU A 148 24.17 0.81 0.62
C GLU A 148 24.65 -0.56 1.09
N GLU A 149 24.05 -1.08 2.16
CA GLU A 149 24.33 -2.44 2.60
C GLU A 149 23.94 -3.44 1.52
N ILE A 150 22.77 -3.24 0.94
CA ILE A 150 22.30 -4.12 -0.13
C ILE A 150 23.21 -4.07 -1.34
N LYS A 151 23.52 -2.86 -1.80
CA LYS A 151 24.39 -2.68 -2.96
C LYS A 151 25.76 -3.31 -2.73
N THR A 152 26.34 -3.06 -1.55
CA THR A 152 27.67 -3.59 -1.27
C THR A 152 27.63 -5.12 -1.14
N ALA A 153 26.51 -5.68 -0.69
CA ALA A 153 26.36 -7.13 -0.66
C ALA A 153 26.32 -7.70 -2.07
N LYS A 154 25.54 -7.04 -2.93
CA LYS A 154 25.46 -7.41 -4.34
C LYS A 154 26.82 -7.37 -5.01
N ASN A 155 27.61 -6.36 -4.67
CA ASN A 155 28.95 -6.21 -5.23
C ASN A 155 29.88 -7.31 -4.72
N LYS A 156 29.76 -7.60 -3.43
CA LYS A 156 30.52 -8.68 -2.81
C LYS A 156 30.22 -9.99 -3.50
N LEU A 157 28.99 -10.13 -4.01
CA LEU A 157 28.61 -11.34 -4.73
C LEU A 157 29.08 -11.36 -6.18
N ILE A 158 28.98 -10.22 -6.88
CA ILE A 158 29.36 -10.19 -8.29
C ILE A 158 30.88 -10.27 -8.48
N GLU A 159 31.64 -9.75 -7.53
CA GLU A 159 33.10 -9.83 -7.63
C GLU A 159 33.55 -11.26 -7.39
N ALA A 160 32.81 -11.98 -6.56
CA ALA A 160 33.07 -13.38 -6.31
C ALA A 160 32.47 -14.24 -7.41
N SER A 161 31.76 -13.56 -8.32
CA SER A 161 31.16 -14.17 -9.51
C SER A 161 30.21 -15.31 -9.16
N THR A 162 29.64 -15.26 -7.96
CA THR A 162 28.65 -16.23 -7.53
C THR A 162 27.25 -15.68 -7.80
N PHE A 163 27.19 -14.48 -8.36
CA PHE A 163 25.94 -13.76 -8.53
C PHE A 163 25.27 -14.05 -9.87
N LYS A 164 24.08 -14.64 -9.82
CA LYS A 164 23.28 -14.86 -11.01
C LYS A 164 22.10 -13.90 -11.06
N GLU A 165 22.07 -13.02 -12.05
CA GLU A 165 21.03 -12.00 -12.17
C GLU A 165 19.64 -12.59 -12.40
N TRP A 166 18.62 -11.83 -12.02
CA TRP A 166 17.24 -12.30 -12.01
C TRP A 166 16.51 -12.16 -13.35
N ASN A 167 15.94 -13.27 -13.81
CA ASN A 167 15.08 -13.27 -14.99
C ASN A 167 13.80 -14.07 -14.75
N ILE A 168 12.65 -13.40 -14.82
CA ILE A 168 11.36 -14.07 -14.63
C ILE A 168 11.10 -15.14 -15.70
N GLU A 169 11.41 -14.80 -16.94
CA GLU A 169 11.09 -15.66 -18.08
C GLU A 169 11.77 -17.04 -17.99
N THR A 170 13.05 -17.04 -17.63
CA THR A 170 13.83 -18.28 -17.65
C THR A 170 13.89 -19.02 -16.31
N GLU A 171 13.41 -18.41 -15.24
CA GLU A 171 13.59 -18.98 -13.90
C GLU A 171 12.67 -20.15 -13.61
N TYR A 172 11.53 -20.18 -14.28
CA TYR A 172 10.58 -21.27 -14.10
C TYR A 172 10.73 -22.33 -15.20
N ASN A 173 11.70 -22.11 -16.08
CA ASN A 173 11.98 -23.01 -17.19
C ASN A 173 13.08 -24.01 -16.84
N PRO A 174 12.73 -25.31 -16.79
CA PRO A 174 13.64 -26.41 -16.44
C PRO A 174 14.90 -26.44 -17.29
N GLN A 175 14.75 -26.09 -18.55
CA GLN A 175 15.84 -26.15 -19.53
C GLN A 175 17.04 -25.34 -19.07
N THR A 176 16.78 -24.22 -18.39
CA THR A 176 17.85 -23.35 -17.93
C THR A 176 18.63 -23.99 -16.77
N TYR A 177 17.94 -24.77 -15.95
CA TYR A 177 18.60 -25.47 -14.84
C TYR A 177 19.35 -26.70 -15.34
N ILE A 178 18.84 -27.32 -16.40
CA ILE A 178 19.56 -28.39 -17.06
C ILE A 178 20.84 -27.83 -17.68
N ASP A 179 20.72 -26.65 -18.28
CA ASP A 179 21.87 -25.95 -18.84
C ASP A 179 22.87 -25.58 -17.76
N LEU A 180 22.37 -25.20 -16.59
CA LEU A 180 23.24 -24.86 -15.47
C LEU A 180 24.03 -26.08 -14.99
N GLY A 181 23.40 -27.25 -15.06
CA GLY A 181 24.03 -28.48 -14.67
C GLY A 181 23.72 -28.87 -13.24
N ARG A 182 23.22 -27.92 -12.46
CA ARG A 182 22.90 -28.17 -11.06
C ARG A 182 21.77 -27.29 -10.54
N ILE A 183 21.06 -27.82 -9.55
CA ILE A 183 20.07 -27.08 -8.79
C ILE A 183 20.55 -26.88 -7.36
N SER A 184 20.62 -25.62 -6.94
CA SER A 184 21.17 -25.27 -5.64
C SER A 184 20.13 -24.57 -4.77
N LEU A 185 20.33 -24.64 -3.45
CA LEU A 185 19.46 -23.93 -2.52
C LEU A 185 19.70 -22.43 -2.62
N ALA A 186 20.93 -22.07 -2.99
CA ALA A 186 21.32 -20.68 -3.12
C ALA A 186 20.69 -20.06 -4.36
N ASP A 187 20.30 -20.91 -5.31
CA ASP A 187 19.67 -20.44 -6.53
C ASP A 187 18.19 -20.16 -6.27
N ASN A 188 17.73 -20.53 -5.07
CA ASN A 188 16.34 -20.32 -4.64
C ASN A 188 15.38 -20.86 -5.69
N VAL A 189 15.43 -22.18 -5.91
CA VAL A 189 14.74 -22.78 -7.04
C VAL A 189 13.33 -23.24 -6.71
N VAL A 190 12.36 -22.65 -7.41
CA VAL A 190 10.98 -23.07 -7.30
C VAL A 190 10.42 -23.25 -8.70
N LEU A 191 9.83 -24.42 -8.95
CA LEU A 191 9.30 -24.72 -10.28
C LEU A 191 7.79 -24.81 -10.22
N LYS A 192 7.12 -24.49 -11.33
CA LYS A 192 5.68 -24.33 -11.33
C LYS A 192 4.92 -25.65 -11.21
N THR A 193 5.54 -26.76 -11.60
CA THR A 193 4.86 -28.06 -11.50
C THR A 193 5.83 -29.25 -11.39
N THR A 194 5.25 -30.42 -11.13
CA THR A 194 6.01 -31.66 -10.93
C THR A 194 6.67 -32.15 -12.22
N LYS A 195 5.97 -31.97 -13.34
CA LYS A 195 6.49 -32.42 -14.62
C LYS A 195 7.79 -31.71 -14.97
N ASP A 196 7.92 -30.47 -14.51
CA ASP A 196 9.10 -29.67 -14.81
C ASP A 196 10.34 -30.17 -14.07
N VAL A 197 10.21 -30.30 -12.76
CA VAL A 197 11.29 -30.80 -11.93
C VAL A 197 11.64 -32.22 -12.36
N CYS A 198 10.64 -33.00 -12.74
CA CYS A 198 10.89 -34.31 -13.33
C CYS A 198 11.74 -34.18 -14.59
N ASN A 199 11.39 -33.22 -15.44
CA ASN A 199 12.11 -33.02 -16.69
C ASN A 199 13.52 -32.46 -16.50
N CYS A 200 13.82 -31.98 -15.29
CA CYS A 200 15.17 -31.52 -14.99
C CYS A 200 16.16 -32.69 -14.94
N PHE A 201 15.68 -33.83 -14.49
CA PHE A 201 16.51 -35.01 -14.28
C PHE A 201 16.45 -36.02 -15.43
N GLY A 202 15.84 -35.64 -16.53
CA GLY A 202 15.80 -36.49 -17.71
C GLY A 202 14.46 -37.07 -18.13
N TYR A 203 13.42 -36.83 -17.35
CA TYR A 203 12.08 -37.25 -17.75
C TYR A 203 11.56 -36.41 -18.90
N SER A 204 10.68 -37.01 -19.71
CA SER A 204 9.97 -36.31 -20.78
C SER A 204 8.50 -36.00 -20.45
N TYR A 205 8.09 -36.26 -19.22
CA TYR A 205 6.66 -36.30 -18.83
C TYR A 205 5.78 -35.12 -19.27
N LYS A 206 4.58 -35.45 -19.74
CA LYS A 206 3.55 -34.46 -20.07
C LYS A 206 2.82 -33.94 -18.84
N ASN A 207 2.51 -34.85 -17.91
CA ASN A 207 1.89 -34.48 -16.63
C ASN A 207 2.22 -35.52 -15.58
N TYR A 208 2.28 -35.11 -14.32
CA TYR A 208 2.53 -36.07 -13.25
C TYR A 208 1.62 -35.87 -12.05
N GLN A 209 0.76 -36.85 -11.80
CA GLN A 209 -0.18 -36.76 -10.68
C GLN A 209 0.36 -37.42 -9.41
N ARG A 210 1.44 -38.19 -9.55
CA ARG A 210 1.99 -38.94 -8.42
C ARG A 210 2.86 -38.09 -7.50
N GLY A 211 2.98 -38.49 -6.23
CA GLY A 211 3.81 -37.78 -5.28
C GLY A 211 5.30 -37.97 -5.46
N GLY A 212 5.74 -39.20 -5.71
CA GLY A 212 7.15 -39.43 -5.96
C GLY A 212 7.47 -39.96 -7.35
N ALA A 213 8.73 -39.85 -7.74
CA ALA A 213 9.21 -40.38 -9.02
C ALA A 213 10.68 -40.81 -8.93
N LEU A 214 11.04 -41.94 -9.51
CA LEU A 214 12.43 -42.41 -9.46
C LEU A 214 13.39 -41.61 -10.35
N HIS A 215 14.56 -41.29 -9.80
CA HIS A 215 15.59 -40.59 -10.56
C HIS A 215 16.08 -41.48 -11.69
N PRO A 216 15.95 -41.00 -12.94
CA PRO A 216 16.30 -41.79 -14.13
C PRO A 216 17.73 -42.34 -14.10
N TYR A 217 18.69 -41.49 -13.77
CA TYR A 217 20.09 -41.88 -13.87
C TYR A 217 20.70 -42.37 -12.55
N LYS A 218 19.95 -42.28 -11.45
CA LYS A 218 20.40 -42.81 -10.17
C LYS A 218 19.28 -43.60 -9.47
N LYS A 219 19.47 -44.89 -9.30
CA LYS A 219 18.44 -45.72 -8.66
C LYS A 219 18.41 -45.63 -7.15
N ASP A 220 19.48 -45.08 -6.55
CA ASP A 220 19.55 -44.94 -5.10
C ASP A 220 18.71 -43.75 -4.64
N THR A 221 18.46 -42.82 -5.56
CA THR A 221 17.82 -41.56 -5.21
C THR A 221 16.40 -41.48 -5.77
N LEU A 222 15.53 -40.81 -5.04
CA LEU A 222 14.13 -40.67 -5.39
C LEU A 222 13.67 -39.21 -5.33
N ILE A 223 13.10 -38.71 -6.42
CA ILE A 223 12.51 -37.39 -6.44
C ILE A 223 11.20 -37.40 -5.65
N TRP A 224 11.09 -36.55 -4.64
CA TRP A 224 9.95 -36.55 -3.76
C TRP A 224 9.24 -35.21 -3.78
N PHE A 225 7.90 -35.23 -3.77
CA PHE A 225 7.12 -33.99 -3.76
C PHE A 225 6.18 -33.93 -2.56
N PRO A 226 6.76 -33.87 -1.35
CA PRO A 226 6.01 -33.94 -0.09
C PRO A 226 5.33 -32.65 0.35
N ARG A 227 4.23 -32.80 1.10
CA ARG A 227 3.69 -31.70 1.88
C ARG A 227 4.35 -31.70 3.25
N LEU A 228 5.07 -30.64 3.58
CA LEU A 228 5.90 -30.60 4.79
C LEU A 228 5.10 -30.23 6.03
N TYR A 229 3.79 -30.09 5.84
CA TYR A 229 2.87 -29.86 6.94
C TYR A 229 1.98 -31.08 7.12
N GLU A 230 1.05 -31.01 8.07
CA GLU A 230 0.12 -32.11 8.31
C GLU A 230 -1.13 -31.96 7.43
N ASN A 231 -1.57 -33.07 6.85
CA ASN A 231 -2.76 -33.11 6.02
C ASN A 231 -3.58 -34.38 6.25
N LYS A 232 -4.55 -34.61 5.38
CA LYS A 232 -5.43 -35.77 5.48
C LYS A 232 -4.68 -37.09 5.62
N ASP A 233 -3.77 -37.37 4.70
CA ASP A 233 -3.04 -38.64 4.66
C ASP A 233 -1.87 -38.72 5.66
N TRP A 234 -1.10 -37.65 5.75
CA TRP A 234 0.19 -37.68 6.42
C TRP A 234 0.44 -36.59 7.44
N ILE A 235 1.37 -36.87 8.36
CA ILE A 235 1.92 -35.84 9.21
C ILE A 235 3.40 -35.68 8.92
N ASN A 236 3.76 -34.56 8.30
CA ASN A 236 5.16 -34.31 7.95
C ASN A 236 5.64 -33.04 8.62
N THR A 237 6.90 -33.02 9.03
CA THR A 237 7.48 -31.83 9.65
C THR A 237 8.87 -31.56 9.10
N ILE A 238 9.30 -30.30 9.18
CA ILE A 238 10.66 -29.93 8.82
C ILE A 238 11.22 -28.96 9.85
N SER A 239 12.44 -29.23 10.30
CA SER A 239 13.10 -28.40 11.29
C SER A 239 13.33 -26.98 10.75
N PRO A 240 13.28 -25.98 11.64
CA PRO A 240 13.53 -24.57 11.31
C PRO A 240 14.83 -24.33 10.56
N ASP A 241 15.84 -25.16 10.78
CA ASP A 241 17.10 -25.04 10.06
C ASP A 241 17.01 -25.66 8.67
N GLY A 242 16.01 -26.51 8.48
CA GLY A 242 15.81 -27.21 7.22
C GLY A 242 16.66 -28.45 7.06
N LEU A 243 17.34 -28.84 8.13
CA LEU A 243 18.25 -29.99 8.09
C LEU A 243 17.53 -31.33 8.21
N THR A 244 16.45 -31.38 8.98
CA THR A 244 15.79 -32.65 9.28
C THR A 244 14.30 -32.67 8.98
N ILE A 245 13.87 -33.66 8.21
CA ILE A 245 12.46 -33.85 7.86
C ILE A 245 11.89 -35.12 8.49
N THR A 246 10.78 -35.01 9.22
CA THR A 246 10.14 -36.18 9.81
C THR A 246 8.87 -36.54 9.03
N GLU A 247 8.71 -37.83 8.76
CA GLU A 247 7.56 -38.33 8.00
C GLU A 247 6.74 -39.38 8.75
N LYS A 248 5.45 -39.10 8.94
CA LYS A 248 4.54 -40.04 9.57
C LYS A 248 3.22 -40.08 8.79
N SER A 249 2.32 -40.98 9.19
CA SER A 249 0.99 -41.06 8.62
C SER A 249 -0.06 -41.11 9.71
N THR A 250 -1.28 -40.70 9.35
CA THR A 250 -2.40 -40.71 10.29
C THR A 250 -2.75 -42.11 10.76
N ASP A 251 -2.64 -43.10 9.87
CA ASP A 251 -2.80 -44.50 10.26
C ASP A 251 -1.47 -45.13 10.63
N GLU A 252 -1.42 -45.69 11.84
CA GLU A 252 -0.20 -46.31 12.33
C GLU A 252 0.08 -47.61 11.60
N THR A 253 -0.98 -48.28 11.15
CA THR A 253 -0.84 -49.52 10.39
C THR A 253 -0.04 -49.28 9.11
N ILE A 254 -0.40 -48.21 8.40
CA ILE A 254 0.24 -47.88 7.13
C ILE A 254 1.70 -47.50 7.36
N THR A 255 1.99 -46.85 8.48
CA THR A 255 3.36 -46.54 8.86
C THR A 255 4.11 -47.84 9.11
N LEU A 256 3.44 -48.79 9.76
CA LEU A 256 4.03 -50.09 10.07
C LEU A 256 4.43 -50.84 8.81
N LYS A 257 3.58 -50.79 7.78
CA LYS A 257 3.90 -51.48 6.53
C LYS A 257 4.88 -50.64 5.70
N LYS A 258 5.00 -49.37 6.04
CA LYS A 258 5.91 -48.46 5.35
C LYS A 258 7.28 -48.46 6.02
N LEU A 259 7.37 -49.12 7.18
CA LEU A 259 8.61 -49.18 7.95
C LEU A 259 9.71 -49.95 7.21
N GLU A 260 9.40 -51.18 6.83
CA GLU A 260 10.34 -52.02 6.08
C GLU A 260 10.59 -51.39 4.71
N GLU A 261 9.51 -50.83 4.17
CA GLU A 261 9.51 -50.15 2.89
C GLU A 261 10.55 -49.04 2.86
N TRP A 262 10.59 -48.27 3.94
CA TRP A 262 11.58 -47.22 4.11
C TRP A 262 12.96 -47.83 4.33
N LYS A 263 13.01 -48.87 5.16
CA LYS A 263 14.26 -49.47 5.59
C LYS A 263 15.09 -50.05 4.45
N ASN A 264 14.44 -50.57 3.41
CA ASN A 264 15.22 -51.16 2.33
C ASN A 264 15.80 -50.13 1.35
N GLY A 265 15.03 -49.11 1.00
CA GLY A 265 15.48 -48.07 0.08
C GLY A 265 14.34 -47.54 -0.77
N PRO A 266 14.64 -46.63 -1.71
CA PRO A 266 15.90 -45.91 -1.96
C PRO A 266 16.25 -44.96 -0.82
N GLN A 267 17.52 -44.94 -0.41
CA GLN A 267 17.92 -44.23 0.80
C GLN A 267 18.06 -42.71 0.61
N LYS A 268 18.14 -42.25 -0.63
CA LYS A 268 18.31 -40.83 -0.90
C LYS A 268 17.04 -40.25 -1.51
N ARG A 269 16.68 -39.03 -1.11
CA ARG A 269 15.54 -38.34 -1.68
C ARG A 269 15.83 -36.87 -2.02
N ILE A 270 15.60 -36.51 -3.28
CA ILE A 270 15.68 -35.12 -3.71
C ILE A 270 14.35 -34.45 -3.41
N VAL A 271 14.33 -33.44 -2.55
CA VAL A 271 13.04 -32.94 -2.05
C VAL A 271 12.56 -31.64 -2.67
N PHE A 272 11.38 -31.70 -3.30
CA PHE A 272 10.68 -30.51 -3.75
C PHE A 272 9.37 -30.37 -2.99
N ALA A 273 9.30 -29.38 -2.11
CA ALA A 273 8.15 -29.23 -1.22
C ALA A 273 7.01 -28.48 -1.89
N ARG A 274 5.79 -28.95 -1.67
CA ARG A 274 4.63 -28.28 -2.24
C ARG A 274 4.28 -27.06 -1.40
N VAL A 275 4.34 -25.89 -2.03
CA VAL A 275 4.06 -24.64 -1.35
C VAL A 275 3.16 -23.76 -2.22
N LYS A 276 2.36 -22.92 -1.57
CA LYS A 276 1.54 -21.97 -2.28
C LYS A 276 2.40 -20.81 -2.80
N ASP A 277 2.14 -20.40 -4.04
CA ASP A 277 2.79 -19.23 -4.61
C ASP A 277 2.38 -17.99 -3.82
N ASN A 278 3.36 -17.15 -3.49
CA ASN A 278 3.06 -15.93 -2.75
C ASN A 278 2.09 -15.03 -3.50
N LEU A 279 2.13 -15.11 -4.83
CA LEU A 279 1.12 -14.45 -5.66
C LEU A 279 0.25 -15.47 -6.40
N SER A 280 -1.02 -15.10 -6.60
CA SER A 280 -1.98 -15.87 -7.39
C SER A 280 -2.30 -17.25 -6.79
N SER A 281 -1.90 -17.44 -5.54
CA SER A 281 -2.35 -18.56 -4.71
C SER A 281 -2.36 -19.94 -5.37
N ARG A 282 -1.33 -20.25 -6.15
CA ARG A 282 -1.29 -21.56 -6.81
C ARG A 282 -0.12 -22.41 -6.31
N ALA A 283 -0.28 -23.73 -6.41
CA ALA A 283 0.72 -24.68 -5.91
C ALA A 283 2.01 -24.65 -6.71
N MET A 284 3.13 -24.56 -6.00
CA MET A 284 4.47 -24.58 -6.61
C MET A 284 5.37 -25.51 -5.81
N TYR A 285 6.51 -25.88 -6.38
CA TYR A 285 7.39 -26.83 -5.73
C TYR A 285 8.81 -26.30 -5.58
N ARG A 286 9.24 -26.15 -4.33
CA ARG A 286 10.53 -25.58 -3.99
C ARG A 286 11.54 -26.65 -3.61
N PHE A 287 12.77 -26.51 -4.09
CA PHE A 287 13.81 -27.50 -3.83
C PHE A 287 14.33 -27.31 -2.42
N MET A 288 14.14 -28.30 -1.56
CA MET A 288 14.57 -28.18 -0.18
C MET A 288 15.94 -28.78 0.10
N GLY A 289 16.46 -29.55 -0.84
CA GLY A 289 17.77 -30.14 -0.70
C GLY A 289 17.79 -31.60 -1.07
N LEU A 290 18.95 -32.23 -0.86
CA LEU A 290 19.09 -33.67 -1.03
C LEU A 290 19.26 -34.32 0.34
N TYR A 291 18.30 -35.19 0.68
CA TYR A 291 18.21 -35.81 2.00
C TYR A 291 18.53 -37.29 1.99
N GLU A 292 19.04 -37.80 3.11
CA GLU A 292 19.36 -39.22 3.25
C GLU A 292 18.60 -39.82 4.42
N PHE A 293 18.14 -41.06 4.28
CA PHE A 293 17.33 -41.69 5.30
C PHE A 293 18.14 -42.08 6.54
N GLN A 294 17.78 -41.51 7.67
CA GLN A 294 18.44 -41.78 8.94
C GLN A 294 17.86 -42.92 9.78
N LYS A 295 16.55 -42.91 9.99
CA LYS A 295 15.95 -43.75 11.01
C LYS A 295 14.52 -44.22 10.70
N ALA A 296 14.18 -45.40 11.19
CA ALA A 296 12.84 -45.95 11.06
C ALA A 296 12.29 -46.20 12.47
N ASP A 297 11.05 -45.78 12.70
CA ASP A 297 10.49 -45.80 14.05
C ASP A 297 8.99 -45.47 14.08
N LEU A 298 8.35 -45.78 15.19
CA LEU A 298 6.98 -45.36 15.46
C LEU A 298 6.99 -43.89 15.86
N LYS A 299 5.82 -43.34 16.17
CA LYS A 299 5.73 -41.93 16.50
C LYS A 299 6.29 -41.10 15.35
N ASP A 300 7.44 -40.47 15.58
CA ASP A 300 8.05 -39.53 14.65
C ASP A 300 8.20 -40.09 13.24
N GLY A 301 8.23 -41.41 13.10
CA GLY A 301 8.26 -42.02 11.78
C GLY A 301 9.64 -41.98 11.16
N ALA A 302 9.68 -41.89 9.85
CA ALA A 302 10.94 -41.84 9.13
C ALA A 302 11.61 -40.49 9.38
N VAL A 303 12.95 -40.50 9.41
CA VAL A 303 13.72 -39.29 9.66
C VAL A 303 14.75 -39.10 8.55
N TRP A 304 14.72 -37.94 7.91
CA TRP A 304 15.64 -37.64 6.82
C TRP A 304 16.55 -36.46 7.18
N LYS A 305 17.86 -36.65 7.06
CA LYS A 305 18.82 -35.58 7.29
C LYS A 305 19.30 -35.05 5.95
N ARG A 306 19.60 -33.75 5.87
CA ARG A 306 19.95 -33.18 4.58
C ARG A 306 21.44 -33.31 4.38
N VAL A 307 21.81 -34.18 3.45
CA VAL A 307 23.22 -34.42 3.16
C VAL A 307 23.79 -33.47 2.12
N LYS A 308 22.93 -32.85 1.31
CA LYS A 308 23.43 -31.96 0.26
C LYS A 308 22.53 -30.76 -0.02
N SER A 309 23.16 -29.64 -0.35
CA SER A 309 22.46 -28.41 -0.69
C SER A 309 22.28 -28.24 -2.20
N GLU A 310 22.86 -29.17 -2.97
CA GLU A 310 22.81 -29.10 -4.42
C GLU A 310 22.65 -30.48 -5.07
N VAL A 311 21.94 -30.54 -6.20
CA VAL A 311 21.87 -31.79 -6.96
C VAL A 311 22.13 -31.53 -8.44
N GLN A 312 22.91 -32.40 -9.07
CA GLN A 312 23.21 -32.24 -10.49
C GLN A 312 22.00 -32.60 -11.35
N THR A 313 21.87 -31.92 -12.49
CA THR A 313 20.74 -32.16 -13.38
C THR A 313 21.18 -32.91 -14.64
N TYR A 314 20.20 -33.30 -15.45
CA TYR A 314 20.47 -34.18 -16.59
C TYR A 314 19.62 -33.83 -17.80
N SER A 315 20.15 -34.09 -18.99
CA SER A 315 19.39 -33.93 -20.21
C SER A 315 18.40 -35.09 -20.34
N PRO A 316 17.26 -34.86 -21.00
CA PRO A 316 16.24 -35.91 -21.15
C PRO A 316 16.79 -37.21 -21.75
N LYS A 317 16.18 -38.33 -21.35
CA LYS A 317 16.63 -39.64 -21.79
C LYS A 317 15.75 -40.18 -22.92
N GLU A 318 16.39 -40.72 -23.95
CA GLU A 318 15.66 -41.27 -25.08
C GLU A 318 16.52 -42.27 -25.86
N ALA B 5 7.25 18.09 16.33
CA ALA B 5 8.35 18.47 15.45
C ALA B 5 8.08 18.06 14.01
N SER B 6 9.09 17.51 13.35
CA SER B 6 8.93 17.02 11.98
C SER B 6 8.11 15.74 11.98
N SER B 7 7.89 15.20 13.18
CA SER B 7 7.18 13.94 13.35
C SER B 7 5.77 13.99 12.76
N ASP B 8 5.13 15.15 12.84
CA ASP B 8 3.78 15.32 12.30
C ASP B 8 3.79 15.15 10.79
N LEU B 9 4.77 15.78 10.15
CA LEU B 9 4.98 15.64 8.72
C LEU B 9 5.15 14.18 8.35
N THR B 10 6.04 13.51 9.08
CA THR B 10 6.31 12.09 8.89
C THR B 10 5.03 11.29 8.92
N ASP B 11 4.30 11.42 10.03
CA ASP B 11 3.03 10.73 10.24
C ASP B 11 2.10 10.93 9.05
N TYR B 12 1.91 12.21 8.69
CA TYR B 12 1.02 12.58 7.60
C TYR B 12 1.40 11.84 6.32
N VAL B 13 2.65 11.97 5.90
CA VAL B 13 3.12 11.33 4.68
C VAL B 13 2.91 9.81 4.71
N ILE B 14 3.31 9.19 5.83
CA ILE B 14 3.19 7.76 6.02
C ILE B 14 1.76 7.31 5.76
N ARG B 15 0.82 7.96 6.45
CA ARG B 15 -0.58 7.59 6.35
C ARG B 15 -1.12 7.86 4.94
N GLN B 16 -0.60 8.90 4.30
CA GLN B 16 -1.03 9.24 2.95
C GLN B 16 -0.68 8.13 1.96
N LEU B 17 0.51 7.55 2.12
CA LEU B 17 0.87 6.45 1.23
C LEU B 17 0.49 5.10 1.84
N GLY B 18 -0.14 5.16 3.01
CA GLY B 18 -0.54 3.95 3.71
C GLY B 18 -2.02 3.68 3.61
N ARG B 19 -2.70 4.39 2.72
CA ARG B 19 -4.13 4.17 2.50
C ARG B 19 -4.37 2.82 1.85
N THR B 20 -5.50 2.21 2.14
CA THR B 20 -5.90 0.98 1.46
C THR B 20 -6.14 1.29 -0.02
N LYS B 21 -5.53 0.48 -0.90
CA LYS B 21 -5.50 0.78 -2.32
C LYS B 21 -6.82 0.49 -3.03
N ASN B 22 -7.28 1.46 -3.81
CA ASN B 22 -8.44 1.29 -4.68
C ASN B 22 -8.07 0.53 -5.93
N LYS B 23 -6.90 0.85 -6.47
CA LYS B 23 -6.44 0.26 -7.72
C LYS B 23 -5.22 -0.61 -7.48
N ARG B 24 -5.02 -1.57 -8.37
CA ARG B 24 -3.95 -2.55 -8.23
C ARG B 24 -2.58 -1.92 -8.48
N TYR B 25 -2.52 -0.97 -9.42
CA TYR B 25 -1.26 -0.31 -9.78
C TYR B 25 -1.07 1.02 -9.07
N GLU B 26 -2.06 1.42 -8.26
CA GLU B 26 -2.04 2.72 -7.61
C GLU B 26 -0.82 2.91 -6.72
N ALA B 27 -0.59 1.94 -5.84
CA ALA B 27 0.49 2.00 -4.87
C ALA B 27 1.84 2.30 -5.52
N TYR B 28 2.19 1.50 -6.52
CA TYR B 28 3.49 1.59 -7.17
C TYR B 28 3.70 2.96 -7.78
N VAL B 29 2.76 3.37 -8.64
CA VAL B 29 2.87 4.62 -9.37
C VAL B 29 2.90 5.82 -8.41
N VAL B 30 1.93 5.88 -7.50
CA VAL B 30 1.85 7.01 -6.58
C VAL B 30 3.11 7.12 -5.72
N SER B 31 3.50 6.01 -5.10
CA SER B 31 4.67 6.01 -4.24
C SER B 31 5.93 6.41 -5.01
N ARG B 32 6.08 5.89 -6.22
CA ARG B 32 7.25 6.20 -7.03
C ARG B 32 7.26 7.68 -7.37
N ILE B 33 6.10 8.23 -7.70
CA ILE B 33 5.98 9.65 -7.99
C ILE B 33 6.44 10.47 -6.79
N ILE B 34 5.88 10.17 -5.62
CA ILE B 34 6.21 10.91 -4.40
C ILE B 34 7.70 10.85 -4.06
N HIS B 35 8.26 9.65 -4.04
CA HIS B 35 9.66 9.47 -3.66
C HIS B 35 10.64 10.05 -4.68
N LEU B 36 10.36 9.84 -5.97
CA LEU B 36 11.23 10.37 -7.01
C LEU B 36 11.15 11.88 -7.03
N LEU B 37 9.98 12.42 -6.68
CA LEU B 37 9.82 13.85 -6.55
C LEU B 37 10.72 14.34 -5.42
N ASN B 38 10.56 13.70 -4.26
CA ASN B 38 11.39 13.96 -3.08
C ASN B 38 11.36 15.43 -2.68
N ASP B 39 10.27 16.12 -3.02
CA ASP B 39 10.09 17.48 -2.55
C ASP B 39 8.93 17.50 -1.58
N PHE B 40 9.25 17.63 -0.29
CA PHE B 40 8.24 17.54 0.75
C PHE B 40 7.80 18.94 1.19
N THR B 41 8.33 19.95 0.51
CA THR B 41 7.80 21.29 0.62
C THR B 41 6.48 21.36 -0.13
N LEU B 42 6.22 20.31 -0.91
CA LEU B 42 5.00 20.18 -1.68
C LEU B 42 3.99 19.25 -0.99
N LYS B 43 2.85 19.81 -0.60
CA LYS B 43 1.80 19.02 0.03
C LYS B 43 1.17 18.10 -1.01
N PHE B 44 0.83 16.89 -0.59
CA PHE B 44 0.16 15.94 -1.48
C PHE B 44 -0.94 15.19 -0.75
N VAL B 45 -1.97 14.78 -1.48
CA VAL B 45 -3.05 14.00 -0.91
C VAL B 45 -3.39 12.84 -1.84
N THR B 46 -3.56 11.65 -1.27
CA THR B 46 -3.94 10.49 -2.05
C THR B 46 -5.43 10.21 -1.89
N GLN B 47 -6.05 9.74 -2.97
CA GLN B 47 -7.48 9.43 -2.98
C GLN B 47 -8.32 10.65 -2.61
N GLN B 48 -8.05 11.76 -3.28
CA GLN B 48 -8.79 12.99 -3.04
C GLN B 48 -10.16 12.95 -3.71
N PHE B 49 -11.20 13.14 -2.91
CA PHE B 49 -12.58 13.17 -3.42
C PHE B 49 -12.88 14.48 -4.13
N VAL B 50 -13.45 14.38 -5.31
CA VAL B 50 -13.83 15.56 -6.10
C VAL B 50 -15.27 15.43 -6.59
N ARG B 51 -15.88 16.55 -6.96
CA ARG B 51 -17.26 16.56 -7.44
C ARG B 51 -17.31 16.84 -8.93
N LEU B 52 -17.97 15.98 -9.68
CA LEU B 52 -18.09 16.13 -11.12
C LEU B 52 -19.17 17.14 -11.49
N SER B 53 -19.29 17.42 -12.78
CA SER B 53 -20.30 18.35 -13.28
C SER B 53 -21.71 17.79 -13.10
N ASN B 54 -21.79 16.47 -13.09
CA ASN B 54 -23.07 15.78 -13.00
C ASN B 54 -23.44 15.42 -11.56
N LYS B 55 -22.63 15.92 -10.62
CA LYS B 55 -22.85 15.81 -9.17
C LYS B 55 -22.45 14.44 -8.60
N LYS B 56 -22.03 13.52 -9.47
CA LYS B 56 -21.53 12.24 -8.98
C LYS B 56 -20.18 12.49 -8.32
N ILE B 57 -19.84 11.66 -7.33
CA ILE B 57 -18.58 11.83 -6.63
C ILE B 57 -17.49 10.99 -7.27
N ALA B 58 -16.37 11.64 -7.60
CA ALA B 58 -15.24 10.96 -8.21
C ALA B 58 -14.03 11.09 -7.29
N LEU B 59 -12.90 10.51 -7.69
CA LEU B 59 -11.69 10.64 -6.90
C LEU B 59 -10.42 10.58 -7.75
N THR B 60 -9.38 11.28 -7.31
CA THR B 60 -8.09 11.23 -7.99
C THR B 60 -7.03 10.63 -7.07
N ASP B 61 -6.08 9.91 -7.65
CA ASP B 61 -5.16 9.10 -6.87
C ASP B 61 -4.09 9.93 -6.17
N LEU B 62 -3.57 10.96 -6.84
CA LEU B 62 -2.61 11.84 -6.18
C LEU B 62 -2.96 13.30 -6.43
N TYR B 63 -2.89 14.12 -5.39
CA TYR B 63 -3.27 15.52 -5.53
C TYR B 63 -2.32 16.47 -4.81
N PHE B 64 -1.79 17.44 -5.55
CA PHE B 64 -1.01 18.53 -4.98
C PHE B 64 -1.84 19.79 -4.95
N PRO B 65 -2.26 20.22 -3.74
CA PRO B 65 -3.12 21.38 -3.50
C PRO B 65 -2.46 22.70 -3.89
N GLN B 66 -1.18 22.82 -3.61
CA GLN B 66 -0.44 24.04 -3.92
C GLN B 66 -0.35 24.26 -5.41
N LEU B 67 -0.13 23.17 -6.15
CA LEU B 67 0.02 23.26 -7.61
C LEU B 67 -1.29 22.99 -8.34
N GLY B 68 -2.32 22.62 -7.59
CA GLY B 68 -3.59 22.26 -8.18
C GLY B 68 -3.41 21.17 -9.23
N ILE B 69 -2.62 20.15 -8.90
CA ILE B 69 -2.28 19.11 -9.86
C ILE B 69 -2.78 17.75 -9.44
N HIS B 70 -3.50 17.08 -10.33
CA HIS B 70 -3.96 15.73 -10.05
C HIS B 70 -3.24 14.71 -10.92
N ILE B 71 -3.08 13.51 -10.39
CA ILE B 71 -2.49 12.40 -11.11
C ILE B 71 -3.36 11.17 -10.92
N GLU B 72 -3.74 10.56 -12.04
CA GLU B 72 -4.68 9.45 -12.04
C GLU B 72 -4.13 8.29 -12.87
N VAL B 73 -4.18 7.09 -12.30
CA VAL B 73 -3.73 5.88 -13.00
C VAL B 73 -4.88 5.20 -13.75
N ASP B 74 -4.66 4.89 -15.02
CA ASP B 74 -5.69 4.24 -15.84
C ASP B 74 -5.40 2.74 -15.98
N GLU B 75 -6.17 1.92 -15.28
CA GLU B 75 -6.14 0.48 -15.45
C GLU B 75 -7.37 -0.05 -16.18
N GLY B 76 -8.30 0.84 -16.48
CA GLY B 76 -9.56 0.43 -17.08
C GLY B 76 -10.44 -0.13 -15.97
N HIS B 77 -11.57 -0.73 -16.35
CA HIS B 77 -12.51 -1.28 -15.37
C HIS B 77 -12.17 -2.66 -14.79
N HIS B 78 -11.28 -3.41 -15.43
CA HIS B 78 -11.06 -4.81 -15.04
C HIS B 78 -10.49 -5.05 -13.63
N PHE B 79 -9.30 -4.52 -13.33
CA PHE B 79 -8.71 -4.80 -12.02
C PHE B 79 -9.04 -3.71 -11.03
N LEU B 80 -9.99 -4.00 -10.16
CA LEU B 80 -10.36 -3.10 -9.08
C LEU B 80 -10.59 -3.89 -7.79
N ARG B 81 -9.84 -3.55 -6.74
CA ARG B 81 -10.01 -4.19 -5.45
C ARG B 81 -11.36 -3.73 -4.89
N ASN B 82 -11.75 -2.53 -5.30
CA ASN B 82 -13.07 -1.99 -5.00
C ASN B 82 -14.02 -2.25 -6.16
N SER B 83 -15.09 -2.99 -5.89
CA SER B 83 -16.16 -3.18 -6.86
C SER B 83 -17.21 -2.11 -6.62
N LYS B 84 -16.84 -1.18 -5.75
CA LYS B 84 -17.69 -0.08 -5.35
C LYS B 84 -17.42 1.17 -6.17
N MET B 85 -16.54 1.06 -7.17
CA MET B 85 -16.34 2.15 -8.12
C MET B 85 -16.90 1.87 -9.51
N GLU B 86 -16.89 2.90 -10.35
CA GLU B 86 -17.40 2.80 -11.72
C GLU B 86 -16.45 3.52 -12.68
N TYR B 87 -16.23 2.92 -13.85
CA TYR B 87 -15.35 3.48 -14.86
C TYR B 87 -16.11 4.04 -16.06
N SER B 88 -16.08 5.36 -16.23
CA SER B 88 -16.80 6.02 -17.31
C SER B 88 -16.04 7.26 -17.78
N LEU B 89 -16.38 7.74 -18.97
CA LEU B 89 -15.74 8.94 -19.52
C LEU B 89 -16.44 10.22 -19.08
N ASN B 90 -15.64 11.26 -18.84
CA ASN B 90 -16.13 12.53 -18.35
C ASN B 90 -15.39 13.68 -19.02
N GLN B 91 -15.66 14.91 -18.58
CA GLN B 91 -15.03 16.09 -19.15
C GLN B 91 -13.50 15.99 -19.08
N ILE B 92 -12.83 16.60 -20.05
CA ILE B 92 -11.40 16.39 -20.30
C ILE B 92 -10.54 16.56 -19.05
N ASP B 93 -10.95 17.48 -18.18
CA ASP B 93 -10.20 17.78 -16.97
C ASP B 93 -10.72 16.97 -15.76
N GLU B 94 -11.64 16.05 -16.01
CA GLU B 94 -12.27 15.29 -14.93
C GLU B 94 -11.85 13.82 -14.96
N PRO B 95 -11.78 13.18 -13.77
CA PRO B 95 -11.30 11.81 -13.62
C PRO B 95 -12.20 10.76 -14.28
N LEU B 96 -11.61 9.62 -14.61
CA LEU B 96 -12.35 8.53 -15.24
C LEU B 96 -13.12 7.69 -14.23
N TYR B 97 -12.70 7.76 -12.97
CA TYR B 97 -13.25 6.92 -11.92
C TYR B 97 -14.25 7.64 -11.03
N SER B 98 -15.46 7.11 -10.95
CA SER B 98 -16.54 7.74 -10.20
C SER B 98 -17.13 6.76 -9.19
N ILE B 99 -17.89 7.30 -8.24
CA ILE B 99 -18.57 6.45 -7.27
C ILE B 99 -20.06 6.36 -7.58
N SER B 100 -20.63 5.18 -7.41
CA SER B 100 -22.08 5.00 -7.57
C SER B 100 -22.78 5.89 -6.54
N GLN B 101 -23.90 6.49 -6.95
CA GLN B 101 -24.65 7.42 -6.11
C GLN B 101 -25.13 6.78 -4.81
N THR B 102 -25.19 5.45 -4.78
CA THR B 102 -25.62 4.75 -3.59
C THR B 102 -24.65 4.95 -2.42
N GLU B 103 -23.36 4.82 -2.69
CA GLU B 103 -22.34 5.06 -1.67
C GLU B 103 -21.82 6.49 -1.71
N SER B 104 -22.27 7.24 -2.71
CA SER B 104 -21.93 8.66 -2.81
C SER B 104 -22.68 9.41 -1.72
N ASP B 105 -23.81 8.84 -1.33
CA ASP B 105 -24.64 9.42 -0.26
C ASP B 105 -24.05 9.05 1.10
N ALA B 106 -23.18 8.04 1.11
CA ALA B 106 -22.44 7.65 2.31
C ALA B 106 -21.21 8.53 2.49
N MET B 107 -20.76 9.15 1.40
CA MET B 107 -19.53 9.94 1.41
C MET B 107 -19.76 11.43 1.60
N ARG B 108 -20.99 11.84 1.87
CA ARG B 108 -21.33 13.26 2.02
C ARG B 108 -20.41 14.02 2.97
N GLU B 109 -20.22 13.48 4.17
CA GLU B 109 -19.46 14.18 5.21
C GLU B 109 -17.96 14.24 4.89
N GLU B 110 -17.52 13.47 3.91
CA GLU B 110 -16.14 13.47 3.49
C GLU B 110 -15.76 14.80 2.84
N ASP B 111 -14.46 15.05 2.75
CA ASP B 111 -13.99 16.31 2.18
C ASP B 111 -13.88 16.20 0.67
N ILE B 112 -14.73 16.95 -0.01
CA ILE B 112 -14.85 16.89 -1.46
C ILE B 112 -14.60 18.27 -2.05
N ILE B 113 -13.69 18.37 -3.01
CA ILE B 113 -13.27 19.68 -3.51
C ILE B 113 -13.71 19.94 -4.94
N SER B 114 -13.39 21.14 -5.42
CA SER B 114 -13.73 21.53 -6.78
C SER B 114 -12.52 21.45 -7.71
N ILE B 115 -12.68 20.75 -8.82
CA ILE B 115 -11.60 20.52 -9.78
C ILE B 115 -11.59 21.48 -10.96
N THR B 116 -12.49 22.45 -10.95
CA THR B 116 -12.72 23.35 -12.09
C THR B 116 -11.47 24.03 -12.67
N GLY B 117 -10.51 24.37 -11.80
CA GLY B 117 -9.29 25.03 -12.26
C GLY B 117 -8.11 24.09 -12.40
N HIS B 118 -8.26 22.90 -11.83
CA HIS B 118 -7.17 21.92 -11.77
C HIS B 118 -6.92 21.15 -13.06
N LYS B 119 -5.67 20.70 -13.24
CA LYS B 119 -5.27 19.88 -14.38
C LYS B 119 -4.99 18.44 -13.94
N ILE B 120 -5.30 17.48 -14.81
CA ILE B 120 -5.09 16.06 -14.51
C ILE B 120 -4.12 15.35 -15.46
N PHE B 121 -3.09 14.74 -14.90
CA PHE B 121 -2.17 13.89 -15.64
C PHE B 121 -2.54 12.42 -15.48
N ARG B 122 -2.54 11.68 -16.58
CA ARG B 122 -2.93 10.27 -16.54
C ARG B 122 -1.74 9.36 -16.80
N VAL B 123 -1.75 8.20 -16.16
CA VAL B 123 -0.72 7.19 -16.40
C VAL B 123 -1.34 5.92 -16.97
N ASN B 124 -1.03 5.61 -18.21
CA ASN B 124 -1.60 4.44 -18.84
C ASN B 124 -0.67 3.24 -18.67
N VAL B 125 -1.11 2.28 -17.86
CA VAL B 125 -0.26 1.17 -17.46
C VAL B 125 -0.41 -0.03 -18.38
N PHE B 126 -1.32 0.09 -19.33
CA PHE B 126 -1.58 -0.95 -20.33
C PHE B 126 -1.17 -0.38 -21.66
N LYS B 127 -0.31 -1.07 -22.40
CA LYS B 127 0.11 -0.50 -23.68
C LYS B 127 -1.10 -0.38 -24.57
N ASN B 128 -1.76 -1.50 -24.81
CA ASN B 128 -3.10 -1.50 -25.38
C ASN B 128 -3.96 -2.51 -24.63
N GLN B 129 -5.03 -2.02 -24.01
CA GLN B 129 -5.93 -2.89 -23.28
C GLN B 129 -6.97 -3.33 -24.30
N GLU B 130 -7.43 -4.58 -24.25
CA GLU B 130 -7.24 -5.51 -23.14
C GLU B 130 -5.86 -6.16 -22.97
N GLY B 131 -5.75 -6.97 -21.91
CA GLY B 131 -4.60 -7.80 -21.57
C GLY B 131 -3.33 -7.17 -21.05
N GLN B 132 -2.23 -7.59 -21.66
CA GLN B 132 -0.88 -7.43 -21.13
C GLN B 132 -0.53 -5.99 -20.73
N PRO B 133 0.02 -5.82 -19.52
CA PRO B 133 0.44 -4.51 -19.04
C PRO B 133 1.63 -3.99 -19.84
N GLN B 134 1.87 -2.69 -19.78
CA GLN B 134 3.00 -2.11 -20.47
C GLN B 134 4.31 -2.41 -19.73
N ASN B 135 5.42 -2.22 -20.44
CA ASN B 135 6.73 -2.47 -19.86
C ASN B 135 7.11 -1.36 -18.88
N LEU B 136 8.00 -1.67 -17.95
CA LEU B 136 8.36 -0.73 -16.89
C LEU B 136 8.97 0.57 -17.38
N GLU B 137 9.71 0.51 -18.49
CA GLU B 137 10.38 1.70 -19.02
C GLU B 137 9.37 2.77 -19.40
N ASN B 138 8.30 2.36 -20.09
CA ASN B 138 7.24 3.27 -20.50
C ASN B 138 6.58 3.95 -19.31
N ILE B 139 6.24 3.14 -18.31
CA ILE B 139 5.59 3.62 -17.09
C ILE B 139 6.49 4.63 -16.37
N HIS B 140 7.75 4.28 -16.23
CA HIS B 140 8.74 5.15 -15.61
C HIS B 140 8.86 6.46 -16.38
N GLN B 141 8.74 6.38 -17.70
CA GLN B 141 8.75 7.57 -18.55
C GLN B 141 7.57 8.49 -18.23
N GLN B 142 6.36 7.92 -18.20
CA GLN B 142 5.17 8.69 -17.86
C GLN B 142 5.33 9.36 -16.50
N ILE B 143 5.81 8.59 -15.53
CA ILE B 143 6.02 9.09 -14.17
C ILE B 143 7.02 10.25 -14.16
N ASP B 144 8.08 10.12 -14.96
CA ASP B 144 9.11 11.15 -15.04
C ASP B 144 8.59 12.44 -15.66
N LYS B 145 7.88 12.35 -16.78
CA LYS B 145 7.36 13.54 -17.42
C LYS B 145 6.38 14.23 -16.47
N ILE B 146 5.62 13.44 -15.74
CA ILE B 146 4.71 13.99 -14.74
C ILE B 146 5.47 14.74 -13.64
N ILE B 147 6.54 14.12 -13.13
CA ILE B 147 7.36 14.73 -12.08
C ILE B 147 7.99 16.04 -12.51
N GLU B 148 8.59 16.07 -13.71
CA GLU B 148 9.21 17.30 -14.18
C GLU B 148 8.15 18.37 -14.46
N GLU B 149 6.95 17.93 -14.86
CA GLU B 149 5.83 18.85 -14.99
C GLU B 149 5.55 19.50 -13.62
N ILE B 150 5.55 18.67 -12.58
CA ILE B 150 5.35 19.14 -11.21
C ILE B 150 6.42 20.15 -10.80
N LYS B 151 7.67 19.81 -11.04
CA LYS B 151 8.79 20.68 -10.71
C LYS B 151 8.69 22.04 -11.40
N THR B 152 8.41 22.02 -12.71
CA THR B 152 8.33 23.25 -13.47
C THR B 152 7.12 24.08 -13.05
N ALA B 153 6.05 23.41 -12.61
CA ALA B 153 4.89 24.10 -12.08
C ALA B 153 5.25 24.82 -10.78
N LYS B 154 5.96 24.09 -9.91
CA LYS B 154 6.44 24.65 -8.65
C LYS B 154 7.33 25.87 -8.92
N ASN B 155 8.15 25.78 -9.95
CA ASN B 155 9.03 26.88 -10.31
C ASN B 155 8.26 28.09 -10.83
N LYS B 156 7.27 27.84 -11.69
CA LYS B 156 6.40 28.92 -12.16
C LYS B 156 5.67 29.58 -10.99
N LEU B 157 5.41 28.82 -9.94
CA LEU B 157 4.75 29.39 -8.77
C LEU B 157 5.71 30.19 -7.89
N ILE B 158 6.93 29.70 -7.70
CA ILE B 158 7.88 30.41 -6.84
C ILE B 158 8.39 31.68 -7.52
N GLU B 159 8.45 31.68 -8.85
CA GLU B 159 8.88 32.87 -9.55
C GLU B 159 7.79 33.93 -9.48
N ALA B 160 6.54 33.48 -9.47
CA ALA B 160 5.41 34.38 -9.33
C ALA B 160 5.18 34.68 -7.86
N SER B 161 5.96 34.02 -7.01
CA SER B 161 5.94 34.23 -5.56
C SER B 161 4.56 34.02 -4.95
N THR B 162 3.76 33.18 -5.59
CA THR B 162 2.44 32.83 -5.07
C THR B 162 2.59 31.55 -4.27
N PHE B 163 3.82 31.06 -4.20
CA PHE B 163 4.11 29.78 -3.58
C PHE B 163 4.40 29.94 -2.10
N LYS B 164 3.55 29.34 -1.28
CA LYS B 164 3.76 29.29 0.16
C LYS B 164 4.20 27.89 0.51
N GLU B 165 5.41 27.76 1.07
CA GLU B 165 5.94 26.44 1.38
C GLU B 165 5.05 25.74 2.39
N TRP B 166 5.07 24.42 2.36
CA TRP B 166 4.15 23.66 3.19
C TRP B 166 4.73 23.48 4.57
N ASN B 167 3.96 23.87 5.58
CA ASN B 167 4.35 23.65 6.96
C ASN B 167 3.16 23.12 7.74
N ILE B 168 3.29 21.89 8.25
CA ILE B 168 2.23 21.27 9.03
C ILE B 168 1.92 22.08 10.29
N GLU B 169 2.98 22.53 10.96
CA GLU B 169 2.84 23.22 12.24
C GLU B 169 2.02 24.51 12.15
N THR B 170 2.28 25.33 11.13
CA THR B 170 1.66 26.65 11.04
C THR B 170 0.38 26.72 10.20
N GLU B 171 0.05 25.64 9.49
CA GLU B 171 -1.06 25.72 8.53
C GLU B 171 -2.41 25.68 9.23
N TYR B 172 -2.48 25.07 10.41
CA TYR B 172 -3.73 25.01 11.16
C TYR B 172 -3.82 26.10 12.23
N ASN B 173 -2.79 26.94 12.31
CA ASN B 173 -2.75 28.02 13.30
C ASN B 173 -3.29 29.32 12.73
N PRO B 174 -4.40 29.82 13.29
CA PRO B 174 -5.09 31.03 12.87
C PRO B 174 -4.15 32.24 12.79
N GLN B 175 -3.20 32.28 13.73
CA GLN B 175 -2.28 33.40 13.85
C GLN B 175 -1.53 33.66 12.55
N THR B 176 -1.21 32.60 11.83
CA THR B 176 -0.46 32.73 10.59
C THR B 176 -1.29 33.37 9.48
N TYR B 177 -2.59 33.10 9.49
CA TYR B 177 -3.49 33.70 8.50
C TYR B 177 -3.83 35.13 8.88
N ILE B 178 -3.86 35.40 10.19
CA ILE B 178 -4.00 36.77 10.64
C ILE B 178 -2.78 37.60 10.22
N ASP B 179 -1.61 37.00 10.38
CA ASP B 179 -0.36 37.64 9.95
C ASP B 179 -0.37 37.82 8.43
N LEU B 180 -0.95 36.85 7.74
CA LEU B 180 -1.05 36.88 6.28
C LEU B 180 -1.89 38.06 5.79
N GLY B 181 -2.92 38.41 6.55
CA GLY B 181 -3.78 39.51 6.18
C GLY B 181 -5.02 39.05 5.45
N ARG B 182 -5.00 37.81 4.98
CA ARG B 182 -6.12 37.27 4.22
C ARG B 182 -6.27 35.76 4.33
N ILE B 183 -7.49 35.28 4.16
CA ILE B 183 -7.74 33.86 3.97
C ILE B 183 -8.18 33.69 2.52
N SER B 184 -7.46 32.88 1.76
CA SER B 184 -7.70 32.79 0.33
C SER B 184 -8.13 31.38 -0.06
N LEU B 185 -8.85 31.27 -1.17
CA LEU B 185 -9.25 29.97 -1.69
C LEU B 185 -8.06 29.22 -2.29
N ALA B 186 -7.09 29.96 -2.80
CA ALA B 186 -5.91 29.38 -3.41
C ALA B 186 -4.97 28.82 -2.35
N ASP B 187 -5.08 29.35 -1.13
CA ASP B 187 -4.23 28.89 -0.03
C ASP B 187 -4.73 27.59 0.57
N ASN B 188 -5.88 27.12 0.10
CA ASN B 188 -6.47 25.86 0.54
C ASN B 188 -6.59 25.82 2.06
N VAL B 189 -7.41 26.70 2.61
CA VAL B 189 -7.44 26.92 4.05
C VAL B 189 -8.46 26.05 4.76
N VAL B 190 -7.97 25.18 5.64
CA VAL B 190 -8.81 24.34 6.49
C VAL B 190 -8.35 24.40 7.94
N LEU B 191 -9.28 24.65 8.86
CA LEU B 191 -8.95 24.75 10.28
C LEU B 191 -9.59 23.65 11.11
N LYS B 192 -8.95 23.31 12.23
CA LYS B 192 -9.35 22.15 13.02
C LYS B 192 -10.68 22.34 13.74
N THR B 193 -11.05 23.58 14.01
CA THR B 193 -12.28 23.85 14.74
C THR B 193 -12.89 25.23 14.49
N THR B 194 -14.13 25.40 14.93
CA THR B 194 -14.86 26.63 14.73
C THR B 194 -14.26 27.80 15.51
N LYS B 195 -13.75 27.51 16.70
CA LYS B 195 -13.18 28.56 17.54
C LYS B 195 -11.96 29.19 16.85
N ASP B 196 -11.27 28.40 16.03
CA ASP B 196 -10.07 28.89 15.35
C ASP B 196 -10.43 29.89 14.26
N VAL B 197 -11.34 29.51 13.37
CA VAL B 197 -11.77 30.40 12.29
C VAL B 197 -12.44 31.64 12.91
N CYS B 198 -13.16 31.45 14.01
CA CYS B 198 -13.71 32.58 14.75
C CYS B 198 -12.58 33.52 15.21
N ASN B 199 -11.52 32.94 15.75
CA ASN B 199 -10.38 33.73 16.24
C ASN B 199 -9.57 34.36 15.10
N CYS B 200 -9.80 33.91 13.87
CA CYS B 200 -9.12 34.51 12.72
C CYS B 200 -9.59 35.94 12.47
N PHE B 201 -10.87 36.16 12.74
CA PHE B 201 -11.51 37.44 12.47
C PHE B 201 -11.58 38.37 13.68
N GLY B 202 -10.90 38.00 14.76
CA GLY B 202 -10.84 38.85 15.94
C GLY B 202 -11.51 38.36 17.20
N TYR B 203 -12.19 37.23 17.16
CA TYR B 203 -12.76 36.66 18.38
C TYR B 203 -11.70 36.10 19.34
N SER B 204 -12.01 36.16 20.62
CA SER B 204 -11.25 35.45 21.65
C SER B 204 -12.12 34.35 22.27
N TYR B 205 -11.82 33.09 21.98
CA TYR B 205 -12.71 32.00 22.34
C TYR B 205 -12.02 30.75 22.88
N LYS B 206 -12.59 30.19 23.94
CA LYS B 206 -12.14 28.91 24.46
C LYS B 206 -12.70 27.76 23.61
N ASN B 207 -13.99 27.87 23.27
CA ASN B 207 -14.68 26.94 22.38
C ASN B 207 -15.91 27.59 21.76
N TYR B 208 -16.36 27.09 20.61
CA TYR B 208 -17.57 27.60 19.99
C TYR B 208 -18.51 26.49 19.52
N GLN B 209 -19.67 26.41 20.15
CA GLN B 209 -20.66 25.38 19.87
C GLN B 209 -21.71 25.80 18.84
N ARG B 210 -21.74 27.10 18.52
CA ARG B 210 -22.78 27.65 17.66
C ARG B 210 -22.55 27.34 16.18
N GLY B 211 -23.63 27.37 15.40
CA GLY B 211 -23.56 27.15 13.98
C GLY B 211 -22.95 28.32 13.23
N GLY B 212 -23.28 29.53 13.67
CA GLY B 212 -22.73 30.73 13.06
C GLY B 212 -22.37 31.80 14.07
N ALA B 213 -21.56 32.77 13.64
CA ALA B 213 -21.15 33.88 14.50
C ALA B 213 -21.01 35.15 13.68
N LEU B 214 -21.50 36.27 14.20
CA LEU B 214 -21.45 37.53 13.47
C LEU B 214 -20.01 38.05 13.38
N HIS B 215 -19.63 38.52 12.19
CA HIS B 215 -18.29 39.03 11.95
C HIS B 215 -18.05 40.26 12.82
N PRO B 216 -17.04 40.21 13.70
CA PRO B 216 -16.80 41.28 14.66
C PRO B 216 -16.70 42.69 14.05
N TYR B 217 -15.92 42.85 12.99
CA TYR B 217 -15.66 44.19 12.45
C TYR B 217 -16.60 44.57 11.31
N LYS B 218 -17.45 43.63 10.91
CA LYS B 218 -18.52 43.91 9.96
C LYS B 218 -19.84 43.30 10.41
N LYS B 219 -20.82 44.17 10.65
CA LYS B 219 -22.14 43.75 11.10
C LYS B 219 -22.84 43.20 9.86
N ASP B 220 -22.17 43.42 8.73
CA ASP B 220 -22.60 43.05 7.38
C ASP B 220 -22.41 41.55 7.11
N THR B 221 -21.42 40.97 7.77
CA THR B 221 -21.01 39.61 7.44
C THR B 221 -21.26 38.63 8.57
N LEU B 222 -21.55 37.40 8.20
CA LEU B 222 -21.79 36.34 9.17
C LEU B 222 -20.90 35.15 8.83
N ILE B 223 -20.06 34.75 9.78
CA ILE B 223 -19.24 33.56 9.64
C ILE B 223 -20.15 32.35 9.85
N TRP B 224 -20.19 31.49 8.84
CA TRP B 224 -21.14 30.38 8.81
C TRP B 224 -20.40 29.04 8.75
N PHE B 225 -20.91 28.05 9.49
CA PHE B 225 -20.28 26.73 9.49
C PHE B 225 -21.26 25.64 9.06
N PRO B 226 -21.73 25.69 7.81
CA PRO B 226 -22.77 24.78 7.33
C PRO B 226 -22.28 23.39 6.94
N ARG B 227 -23.15 22.40 7.06
CA ARG B 227 -22.95 21.14 6.37
C ARG B 227 -23.53 21.32 4.98
N LEU B 228 -22.68 21.21 3.97
CA LEU B 228 -23.07 21.57 2.61
C LEU B 228 -23.79 20.42 1.92
N TYR B 229 -24.04 19.36 2.67
CA TYR B 229 -24.83 18.23 2.21
C TYR B 229 -26.15 18.21 2.97
N GLU B 230 -26.99 17.22 2.69
CA GLU B 230 -28.27 17.11 3.38
C GLU B 230 -28.17 16.32 4.68
N ASN B 231 -28.86 16.81 5.72
CA ASN B 231 -28.90 16.12 7.00
C ASN B 231 -30.30 16.17 7.60
N LYS B 232 -30.41 15.76 8.86
CA LYS B 232 -31.70 15.71 9.56
C LYS B 232 -32.44 17.05 9.55
N ASP B 233 -31.76 18.11 9.99
CA ASP B 233 -32.39 19.42 10.12
C ASP B 233 -32.51 20.18 8.80
N TRP B 234 -31.48 20.12 7.97
CA TRP B 234 -31.38 21.06 6.86
C TRP B 234 -31.11 20.31 5.55
N ILE B 235 -31.49 20.92 4.44
CA ILE B 235 -31.09 20.44 3.12
C ILE B 235 -30.22 21.49 2.43
N ASN B 236 -28.93 21.20 2.30
CA ASN B 236 -28.04 22.15 1.67
C ASN B 236 -27.35 21.58 0.44
N THR B 237 -27.13 22.42 -0.57
CA THR B 237 -26.45 21.98 -1.77
C THR B 237 -25.42 23.00 -2.23
N ILE B 238 -24.40 22.55 -2.96
CA ILE B 238 -23.43 23.45 -3.56
C ILE B 238 -23.07 22.99 -4.96
N SER B 239 -23.08 23.92 -5.91
CA SER B 239 -22.74 23.62 -7.29
C SER B 239 -21.29 23.16 -7.38
N PRO B 240 -20.99 22.27 -8.34
CA PRO B 240 -19.64 21.76 -8.59
C PRO B 240 -18.58 22.86 -8.73
N ASP B 241 -18.99 24.04 -9.18
CA ASP B 241 -18.06 25.16 -9.30
C ASP B 241 -17.79 25.79 -7.94
N GLY B 242 -18.68 25.53 -7.00
CA GLY B 242 -18.58 26.11 -5.67
C GLY B 242 -19.14 27.52 -5.64
N LEU B 243 -19.79 27.90 -6.73
CA LEU B 243 -20.32 29.26 -6.88
C LEU B 243 -21.64 29.48 -6.16
N THR B 244 -22.49 28.47 -6.12
CA THR B 244 -23.85 28.65 -5.59
C THR B 244 -24.22 27.64 -4.51
N ILE B 245 -24.63 28.17 -3.35
CA ILE B 245 -25.09 27.34 -2.24
C ILE B 245 -26.57 27.54 -1.98
N THR B 246 -27.34 26.45 -1.97
CA THR B 246 -28.76 26.54 -1.68
C THR B 246 -29.03 26.00 -0.28
N GLU B 247 -29.85 26.73 0.48
CA GLU B 247 -30.21 26.34 1.83
C GLU B 247 -31.71 26.19 1.97
N LYS B 248 -32.15 25.00 2.34
CA LYS B 248 -33.55 24.71 2.56
C LYS B 248 -33.62 23.92 3.86
N SER B 249 -34.82 23.58 4.31
CA SER B 249 -34.94 22.73 5.48
C SER B 249 -35.90 21.58 5.19
N THR B 250 -35.74 20.49 5.94
CA THR B 250 -36.60 19.32 5.78
C THR B 250 -38.04 19.71 6.06
N ASP B 251 -38.22 20.61 7.01
CA ASP B 251 -39.52 21.19 7.26
C ASP B 251 -39.69 22.44 6.40
N GLU B 252 -40.75 22.45 5.61
CA GLU B 252 -41.03 23.56 4.71
C GLU B 252 -41.43 24.79 5.52
N THR B 253 -42.08 24.52 6.66
CA THR B 253 -42.50 25.56 7.59
C THR B 253 -41.31 26.36 8.10
N ILE B 254 -40.27 25.66 8.53
CA ILE B 254 -39.09 26.32 9.07
C ILE B 254 -38.42 27.16 7.99
N THR B 255 -38.48 26.71 6.75
CA THR B 255 -37.96 27.49 5.64
C THR B 255 -38.77 28.79 5.50
N LEU B 256 -40.09 28.64 5.59
CA LEU B 256 -40.99 29.78 5.48
C LEU B 256 -40.73 30.81 6.56
N LYS B 257 -40.44 30.34 7.77
CA LYS B 257 -40.14 31.24 8.88
C LYS B 257 -38.71 31.76 8.81
N LYS B 258 -37.87 31.11 8.01
CA LYS B 258 -36.49 31.53 7.83
C LYS B 258 -36.36 32.54 6.70
N LEU B 259 -37.45 32.72 5.95
CA LEU B 259 -37.44 33.67 4.83
C LEU B 259 -37.19 35.11 5.30
N GLU B 260 -37.98 35.55 6.28
CA GLU B 260 -37.83 36.91 6.81
C GLU B 260 -36.49 37.09 7.49
N GLU B 261 -36.05 36.08 8.24
CA GLU B 261 -34.76 36.11 8.89
C GLU B 261 -33.65 36.30 7.88
N TRP B 262 -33.74 35.60 6.76
CA TRP B 262 -32.73 35.70 5.73
C TRP B 262 -32.74 37.05 5.05
N LYS B 263 -33.92 37.53 4.63
CA LYS B 263 -33.95 38.78 3.88
C LYS B 263 -33.58 39.97 4.77
N ASN B 264 -33.96 39.91 6.04
CA ASN B 264 -33.66 40.98 7.00
C ASN B 264 -32.25 40.91 7.58
N GLY B 265 -31.78 39.70 7.83
CA GLY B 265 -30.45 39.50 8.40
C GLY B 265 -29.32 39.87 7.46
N PRO B 266 -28.07 39.61 7.88
CA PRO B 266 -26.90 40.04 7.12
C PRO B 266 -26.82 39.37 5.76
N GLN B 267 -26.54 40.17 4.74
CA GLN B 267 -26.59 39.70 3.37
C GLN B 267 -25.33 38.96 2.95
N LYS B 268 -24.27 39.13 3.73
CA LYS B 268 -23.01 38.49 3.40
C LYS B 268 -22.66 37.40 4.41
N ARG B 269 -22.13 36.29 3.90
CA ARG B 269 -21.70 35.21 4.76
C ARG B 269 -20.34 34.64 4.35
N ILE B 270 -19.40 34.64 5.29
CA ILE B 270 -18.12 33.98 5.08
C ILE B 270 -18.29 32.51 5.40
N VAL B 271 -18.12 31.64 4.41
CA VAL B 271 -18.52 30.25 4.57
C VAL B 271 -17.36 29.28 4.82
N PHE B 272 -17.43 28.60 5.96
CA PHE B 272 -16.52 27.51 6.27
C PHE B 272 -17.30 26.20 6.39
N ALA B 273 -17.11 25.31 5.40
CA ALA B 273 -17.93 24.10 5.32
C ALA B 273 -17.38 22.99 6.22
N ARG B 274 -18.28 22.29 6.91
CA ARG B 274 -17.87 21.20 7.78
C ARG B 274 -17.60 19.94 6.96
N VAL B 275 -16.37 19.46 7.00
CA VAL B 275 -15.97 18.28 6.27
C VAL B 275 -15.13 17.35 7.14
N LYS B 276 -15.20 16.06 6.87
CA LYS B 276 -14.35 15.11 7.56
C LYS B 276 -12.94 15.18 7.01
N ASP B 277 -11.95 15.11 7.90
CA ASP B 277 -10.56 15.04 7.50
C ASP B 277 -10.35 13.73 6.75
N ASN B 278 -9.65 13.78 5.63
CA ASN B 278 -9.37 12.59 4.81
C ASN B 278 -8.62 11.52 5.61
N LEU B 279 -7.85 11.98 6.59
CA LEU B 279 -7.22 11.10 7.56
C LEU B 279 -7.88 11.34 8.92
N SER B 280 -7.96 10.29 9.74
CA SER B 280 -8.44 10.39 11.12
C SER B 280 -9.91 10.74 11.30
N SER B 281 -10.64 10.89 10.19
CA SER B 281 -12.09 11.00 10.20
C SER B 281 -12.69 11.93 11.26
N ARG B 282 -12.09 13.11 11.42
CA ARG B 282 -12.57 14.09 12.39
C ARG B 282 -13.09 15.32 11.67
N ALA B 283 -13.99 16.04 12.32
CA ALA B 283 -14.64 17.19 11.70
C ALA B 283 -13.64 18.32 11.45
N MET B 284 -13.66 18.85 10.23
CA MET B 284 -12.78 19.95 9.85
C MET B 284 -13.57 21.00 9.10
N TYR B 285 -13.02 22.20 9.00
CA TYR B 285 -13.75 23.29 8.38
C TYR B 285 -12.93 23.94 7.28
N ARG B 286 -13.41 23.81 6.05
CA ARG B 286 -12.70 24.31 4.88
C ARG B 286 -13.32 25.61 4.40
N PHE B 287 -12.46 26.56 4.03
CA PHE B 287 -12.94 27.89 3.63
C PHE B 287 -13.51 27.83 2.22
N MET B 288 -14.80 28.14 2.11
CA MET B 288 -15.53 28.10 0.85
C MET B 288 -15.61 29.44 0.12
N GLY B 289 -15.22 30.52 0.80
CA GLY B 289 -15.27 31.83 0.18
C GLY B 289 -16.26 32.77 0.84
N LEU B 290 -16.42 33.94 0.23
CA LEU B 290 -17.38 34.93 0.68
C LEU B 290 -18.58 34.97 -0.24
N TYR B 291 -19.75 34.68 0.34
CA TYR B 291 -21.00 34.58 -0.41
C TYR B 291 -21.93 35.73 -0.09
N GLU B 292 -22.75 36.11 -1.06
CA GLU B 292 -23.72 37.18 -0.86
C GLU B 292 -25.12 36.64 -1.10
N PHE B 293 -26.07 37.10 -0.29
CA PHE B 293 -27.44 36.61 -0.38
C PHE B 293 -28.12 37.12 -1.64
N GLN B 294 -28.58 36.20 -2.48
CA GLN B 294 -29.24 36.60 -3.71
C GLN B 294 -30.77 36.61 -3.56
N LYS B 295 -31.35 35.46 -3.24
CA LYS B 295 -32.82 35.36 -3.18
C LYS B 295 -33.31 34.27 -2.21
N ALA B 296 -34.43 34.56 -1.55
CA ALA B 296 -35.08 33.61 -0.65
C ALA B 296 -36.54 33.38 -1.01
N ASP B 297 -36.97 32.12 -1.00
CA ASP B 297 -38.32 31.75 -1.40
C ASP B 297 -38.63 30.37 -0.85
N LEU B 298 -39.91 29.98 -0.92
CA LEU B 298 -40.29 28.65 -0.49
C LEU B 298 -39.77 27.66 -1.54
N LYS B 299 -40.03 26.36 -1.35
CA LYS B 299 -39.45 25.35 -2.23
C LYS B 299 -37.92 25.43 -2.17
N ASP B 300 -37.30 25.84 -3.27
CA ASP B 300 -35.83 25.83 -3.40
C ASP B 300 -35.07 26.50 -2.24
N GLY B 301 -35.74 27.39 -1.52
CA GLY B 301 -35.18 28.03 -0.34
C GLY B 301 -34.21 29.17 -0.65
N ALA B 302 -33.30 29.43 0.27
CA ALA B 302 -32.33 30.51 0.12
C ALA B 302 -31.26 30.17 -0.90
N VAL B 303 -30.79 31.19 -1.61
CA VAL B 303 -29.75 31.02 -2.63
C VAL B 303 -28.60 32.01 -2.41
N TRP B 304 -27.40 31.48 -2.27
CA TRP B 304 -26.21 32.29 -2.05
C TRP B 304 -25.20 32.15 -3.19
N LYS B 305 -24.80 33.27 -3.76
CA LYS B 305 -23.77 33.28 -4.79
C LYS B 305 -22.47 33.77 -4.17
N ARG B 306 -21.33 33.26 -4.64
CA ARG B 306 -20.04 33.60 -4.03
C ARG B 306 -19.43 34.86 -4.65
N VAL B 307 -19.35 35.93 -3.86
CA VAL B 307 -18.83 37.19 -4.35
C VAL B 307 -17.31 37.32 -4.28
N LYS B 308 -16.65 36.55 -3.40
CA LYS B 308 -15.20 36.69 -3.27
C LYS B 308 -14.47 35.39 -2.94
N SER B 309 -13.26 35.24 -3.47
CA SER B 309 -12.44 34.05 -3.21
C SER B 309 -11.44 34.26 -2.07
N GLU B 310 -11.38 35.47 -1.55
CA GLU B 310 -10.49 35.78 -0.43
C GLU B 310 -11.15 36.77 0.51
N VAL B 311 -10.88 36.64 1.81
CA VAL B 311 -11.44 37.54 2.82
C VAL B 311 -10.39 38.10 3.78
N GLN B 312 -10.56 39.36 4.15
CA GLN B 312 -9.61 39.98 5.06
C GLN B 312 -9.75 39.39 6.47
N THR B 313 -8.64 39.30 7.18
CA THR B 313 -8.62 38.76 8.52
C THR B 313 -8.23 39.87 9.49
N TYR B 314 -8.48 39.65 10.78
CA TYR B 314 -8.30 40.71 11.77
C TYR B 314 -7.75 40.25 13.11
N SER B 315 -7.03 41.15 13.78
CA SER B 315 -6.55 40.90 15.13
C SER B 315 -7.66 41.03 16.16
N PRO B 316 -7.58 40.27 17.25
CA PRO B 316 -8.54 40.29 18.36
C PRO B 316 -8.75 41.68 18.97
N LYS B 317 -9.94 41.91 19.52
CA LYS B 317 -10.27 43.20 20.12
C LYS B 317 -10.08 43.17 21.64
S SO4 C . 6.22 -42.50 0.42
O1 SO4 C . 5.85 -41.21 -0.16
O2 SO4 C . 7.56 -42.86 -0.04
O3 SO4 C . 6.23 -42.40 1.88
O4 SO4 C . 5.27 -43.51 0.00
S SO4 D . 1.59 -41.75 -4.49
O1 SO4 D . 2.90 -42.33 -4.79
O2 SO4 D . 0.86 -41.52 -5.73
O3 SO4 D . 0.84 -42.67 -3.65
O4 SO4 D . 1.78 -40.49 -3.79
S SO4 E . -29.24 29.89 9.48
O1 SO4 E . -28.21 29.59 10.46
O2 SO4 E . -30.01 31.06 9.90
O3 SO4 E . -28.62 30.15 8.18
O4 SO4 E . -30.15 28.75 9.35
S SO4 F . -27.66 28.28 15.56
O1 SO4 F . -29.05 28.33 15.11
O2 SO4 F . -27.11 26.94 15.34
O3 SO4 F . -26.87 29.25 14.79
O4 SO4 F . -27.58 28.62 16.98
S SO4 G . -5.63 10.33 14.74
O1 SO4 G . -6.83 9.59 14.29
O2 SO4 G . -4.42 9.74 14.10
O3 SO4 G . -5.73 11.75 14.35
O4 SO4 G . -5.52 10.23 16.21
#